data_4WA5
#
_entry.id   4WA5
#
_cell.length_a   90.452
_cell.length_b   90.452
_cell.length_c   108.979
_cell.angle_alpha   90.00
_cell.angle_beta   90.00
_cell.angle_gamma   90.00
#
_symmetry.space_group_name_H-M   'I 4'
#
loop_
_entity.id
_entity.type
_entity.pdbx_description
1 polymer Neuraminidase
2 branched alpha-L-fucopyranose-(1-6)-2-acetamido-2-deoxy-beta-D-glucopyranose
3 non-polymer ZANAMIVIR
4 non-polymer 'CALCIUM ION'
5 water water
#
_entity_poly.entity_id   1
_entity_poly.type   'polypeptide(L)'
_entity_poly.pdbx_seq_one_letter_code
;QFMQNTEALCDVKGFAPFSKDNGIRIGSRGHVFVIREPFVSCSPTECRTFFLTQGSLLNDKHSNGTEKDRSPYRTLMSVE
IGQSPNVYQARFEAVAWSATACHDGKKWMTIGVTGPDAKAVAVVHYGGIPTDVINSWAGDILRTQESSCTCILGECYWVM
TDGPANRQAQYRAFKAKQGKIIGQVEISFNGGHIEECSCYPNDGKVECVCRDNWTGTNRPVLVISPDLSYRVGYLCAGLS
SDTPRGEDSQFTGSCTSPVGNQGYGVKGFGFRQGNDVWMGRTISRTSRSGFEILKVRNGWVQTSKEQIKRQVVVDNLNRS
GYSGSFTLPVELTKRDCLVPCFWVEMIRGKPAEKTIWTSSSSIVMCGVDHEVADWSWHDGAILPFDID
;
_entity_poly.pdbx_strand_id   A
#
loop_
_chem_comp.id
_chem_comp.type
_chem_comp.name
_chem_comp.formula
CA non-polymer 'CALCIUM ION' 'Ca 2'
FUC L-saccharide, alpha linking alpha-L-fucopyranose 'C6 H12 O5'
NAG D-saccharide, beta linking 2-acetamido-2-deoxy-beta-D-glucopyranose 'C8 H15 N O6'
ZMR D-saccharide ZANAMIVIR 'C12 H20 N4 O7'
#
# COMPACT_ATOMS: atom_id res chain seq x y z
N GLN A 1 -4.66 1.04 26.74
CA GLN A 1 -3.17 0.89 26.53
C GLN A 1 -2.79 0.97 25.05
N PHE A 2 -1.89 1.89 24.74
CA PHE A 2 -1.28 2.03 23.37
C PHE A 2 -0.39 0.84 22.97
N MET A 3 -0.45 0.44 21.70
CA MET A 3 0.44 -0.61 21.15
C MET A 3 1.91 -0.19 21.17
N GLN A 4 2.77 -1.08 21.58
CA GLN A 4 4.21 -0.83 21.55
C GLN A 4 4.73 -0.79 20.10
N ASN A 5 4.54 -1.91 19.41
CA ASN A 5 5.11 -2.19 18.11
C ASN A 5 6.57 -1.79 18.12
N THR A 6 7.32 -2.24 19.12
CA THR A 6 8.77 -2.04 19.15
C THR A 6 9.50 -3.36 18.92
N GLU A 7 8.75 -4.42 18.66
CA GLU A 7 9.34 -5.75 18.46
C GLU A 7 9.98 -5.82 17.08
N ALA A 8 10.96 -6.68 16.95
CA ALA A 8 11.54 -6.98 15.62
C ALA A 8 10.43 -7.63 14.77
N LEU A 9 10.51 -7.43 13.47
CA LEU A 9 9.64 -8.10 12.50
C LEU A 9 10.03 -9.58 12.49
N CYS A 10 9.07 -10.51 12.47
CA CYS A 10 9.42 -11.96 12.43
C CYS A 10 10.08 -12.30 11.11
N ASP A 11 11.03 -13.23 11.17
CA ASP A 11 11.67 -13.80 9.96
C ASP A 11 10.81 -14.92 9.41
N VAL A 12 10.35 -14.76 8.19
CA VAL A 12 9.26 -15.60 7.69
C VAL A 12 9.75 -16.39 6.45
N LYS A 13 9.29 -17.61 6.32
CA LYS A 13 9.72 -18.57 5.27
C LYS A 13 8.67 -18.70 4.16
N GLY A 14 7.42 -18.37 4.44
CA GLY A 14 6.46 -18.29 3.38
C GLY A 14 5.24 -17.54 3.86
N PHE A 15 4.25 -17.43 3.00
CA PHE A 15 3.13 -16.58 3.30
C PHE A 15 1.87 -17.41 3.15
N ALA A 16 0.97 -17.37 4.12
CA ALA A 16 -0.27 -18.13 3.97
C ALA A 16 -1.43 -17.27 3.63
N PRO A 17 -2.36 -17.84 2.81
CA PRO A 17 -3.52 -17.01 2.49
C PRO A 17 -4.34 -16.67 3.73
N PHE A 18 -4.69 -15.40 3.86
CA PHE A 18 -5.41 -14.89 5.05
C PHE A 18 -6.89 -14.74 4.61
N SER A 19 -7.14 -13.80 3.69
CA SER A 19 -8.46 -13.60 3.12
C SER A 19 -8.51 -13.39 1.57
N LYS A 20 -9.73 -13.40 1.08
CA LYS A 20 -10.03 -13.12 -0.33
C LYS A 20 -11.46 -12.60 -0.26
N ASP A 21 -11.73 -11.35 -0.64
CA ASP A 21 -13.07 -10.77 -0.47
C ASP A 21 -14.02 -10.96 -1.64
N ASN A 22 -13.49 -11.21 -2.83
CA ASN A 22 -14.32 -11.55 -4.04
C ASN A 22 -15.24 -10.41 -4.33
N GLY A 23 -14.82 -9.15 -4.05
CA GLY A 23 -15.65 -7.97 -4.21
C GLY A 23 -16.41 -7.87 -5.53
N ILE A 24 -15.71 -8.14 -6.60
CA ILE A 24 -16.24 -7.86 -7.97
C ILE A 24 -17.21 -8.90 -8.48
N ARG A 25 -16.83 -10.16 -8.23
CA ARG A 25 -17.70 -11.29 -8.30
C ARG A 25 -19.06 -11.06 -7.59
N ILE A 26 -19.02 -10.67 -6.30
CA ILE A 26 -20.20 -10.46 -5.46
C ILE A 26 -21.02 -9.21 -5.90
N GLY A 27 -20.24 -8.21 -6.22
CA GLY A 27 -20.64 -6.94 -6.77
C GLY A 27 -21.30 -7.03 -8.15
N SER A 28 -21.33 -8.22 -8.74
CA SER A 28 -22.07 -8.47 -10.07
C SER A 28 -23.55 -8.44 -9.80
N ARG A 29 -23.95 -8.75 -8.57
CA ARG A 29 -25.32 -8.81 -8.20
C ARG A 29 -25.60 -8.13 -6.89
N GLY A 30 -24.63 -8.11 -5.97
CA GLY A 30 -24.83 -7.56 -4.61
C GLY A 30 -24.52 -6.08 -4.74
N HIS A 31 -24.64 -5.34 -3.66
CA HIS A 31 -24.46 -3.86 -3.75
C HIS A 31 -23.15 -3.65 -3.14
N VAL A 32 -22.16 -3.51 -4.05
CA VAL A 32 -20.80 -3.26 -3.68
C VAL A 32 -20.22 -2.00 -4.40
N PHE A 33 -19.44 -1.28 -3.63
CA PHE A 33 -18.85 -0.03 -4.03
C PHE A 33 -17.85 -0.30 -5.12
N VAL A 34 -17.79 0.64 -6.10
CA VAL A 34 -16.64 0.67 -7.03
C VAL A 34 -15.58 1.26 -6.15
N ILE A 35 -14.34 0.73 -6.21
CA ILE A 35 -13.23 1.12 -5.38
C ILE A 35 -11.96 0.99 -6.20
N ARG A 36 -10.84 1.33 -5.56
CA ARG A 36 -9.43 1.25 -6.01
C ARG A 36 -8.75 1.47 -4.61
N GLU A 37 -7.46 1.17 -4.54
CA GLU A 37 -6.58 1.43 -3.37
C GLU A 37 -7.12 0.94 -2.04
N PRO A 38 -7.41 -0.37 -1.92
CA PRO A 38 -7.89 -1.11 -0.76
C PRO A 38 -6.91 -1.72 0.26
N PHE A 39 -6.45 -1.01 1.25
CA PHE A 39 -5.37 -1.59 2.06
C PHE A 39 -5.82 -2.23 3.36
N VAL A 40 -4.93 -3.02 3.96
CA VAL A 40 -5.29 -3.69 5.21
C VAL A 40 -4.51 -3.03 6.32
N SER A 41 -5.10 -2.95 7.52
CA SER A 41 -4.45 -2.47 8.75
C SER A 41 -5.10 -3.06 9.98
N CYS A 42 -4.34 -3.25 11.10
CA CYS A 42 -4.99 -3.90 12.27
C CYS A 42 -4.95 -3.18 13.63
N SER A 43 -6.05 -3.40 14.35
CA SER A 43 -6.18 -3.00 15.70
C SER A 43 -5.87 -4.21 16.55
N PRO A 44 -5.77 -3.98 17.87
CA PRO A 44 -5.63 -5.09 18.81
C PRO A 44 -6.75 -6.15 18.78
N THR A 45 -7.93 -5.85 18.17
CA THR A 45 -9.07 -6.76 18.14
C THR A 45 -9.35 -7.43 16.79
N GLU A 46 -9.03 -6.73 15.69
CA GLU A 46 -9.49 -7.14 14.38
C GLU A 46 -8.61 -6.54 13.28
N CYS A 47 -8.64 -7.14 12.08
CA CYS A 47 -8.03 -6.58 10.89
C CYS A 47 -9.20 -6.07 10.08
N ARG A 48 -9.03 -4.86 9.52
CA ARG A 48 -10.07 -4.18 8.72
C ARG A 48 -9.53 -3.98 7.34
N THR A 49 -10.41 -4.07 6.34
CA THR A 49 -9.99 -3.65 4.96
C THR A 49 -10.57 -2.23 4.65
N PHE A 50 -9.66 -1.29 4.42
CA PHE A 50 -9.96 0.03 4.02
C PHE A 50 -9.84 0.13 2.51
N PHE A 51 -10.66 0.99 1.95
CA PHE A 51 -10.74 1.23 0.50
C PHE A 51 -11.30 2.63 0.18
N LEU A 52 -11.02 3.14 -1.03
CA LEU A 52 -11.53 4.41 -1.51
C LEU A 52 -12.60 4.10 -2.51
N THR A 53 -13.85 4.30 -2.13
CA THR A 53 -14.94 4.21 -3.09
C THR A 53 -14.85 5.31 -4.12
N GLN A 54 -15.58 5.19 -5.22
CA GLN A 54 -15.88 6.37 -6.05
C GLN A 54 -17.35 6.86 -5.92
N GLY A 55 -17.93 6.67 -4.73
CA GLY A 55 -19.30 7.05 -4.47
C GLY A 55 -20.28 6.44 -5.47
N SER A 56 -20.11 5.16 -5.78
CA SER A 56 -20.96 4.54 -6.78
C SER A 56 -20.88 3.10 -6.55
N LEU A 57 -21.77 2.38 -7.20
CA LEU A 57 -21.75 0.96 -7.09
C LEU A 57 -21.48 0.22 -8.40
N LEU A 58 -21.11 -1.05 -8.22
CA LEU A 58 -20.87 -1.94 -9.32
C LEU A 58 -22.21 -2.24 -9.97
N ASN A 59 -22.20 -2.21 -11.28
CA ASN A 59 -23.37 -2.44 -12.11
C ASN A 59 -24.40 -1.33 -12.08
N ASP A 60 -24.03 -0.15 -11.57
CA ASP A 60 -24.84 1.02 -11.63
C ASP A 60 -24.30 2.06 -12.64
N LYS A 61 -25.21 2.84 -13.26
CA LYS A 61 -24.81 3.91 -14.21
C LYS A 61 -23.75 4.87 -13.68
N HIS A 62 -23.72 5.04 -12.33
CA HIS A 62 -22.75 5.95 -11.79
C HIS A 62 -21.34 5.39 -11.79
N SER A 63 -21.12 4.10 -12.10
CA SER A 63 -19.70 3.54 -12.18
C SER A 63 -18.88 3.96 -13.41
N ASN A 64 -19.64 4.43 -14.41
CA ASN A 64 -19.10 5.13 -15.56
C ASN A 64 -18.01 6.11 -15.13
N GLY A 65 -16.90 6.08 -15.85
CA GLY A 65 -15.60 6.53 -15.38
C GLY A 65 -15.17 7.69 -16.19
N THR A 66 -16.15 8.56 -16.44
CA THR A 66 -15.97 9.87 -17.04
C THR A 66 -15.43 10.80 -15.94
N GLU A 67 -15.54 10.33 -14.71
CA GLU A 67 -15.14 11.05 -13.52
C GLU A 67 -13.63 11.10 -13.40
N LYS A 68 -13.18 11.83 -12.39
CA LYS A 68 -11.76 11.98 -12.13
C LYS A 68 -11.29 10.86 -11.12
N ASP A 69 -10.04 10.43 -11.26
CA ASP A 69 -9.31 9.47 -10.35
C ASP A 69 -9.37 9.97 -8.94
N ARG A 70 -9.56 11.26 -8.92
CA ARG A 70 -9.82 11.99 -7.73
C ARG A 70 -11.09 12.69 -8.12
N SER A 71 -12.04 12.75 -7.20
CA SER A 71 -13.32 13.35 -7.50
C SER A 71 -13.87 13.82 -6.18
N PRO A 72 -14.96 14.58 -6.23
CA PRO A 72 -15.63 14.89 -4.98
C PRO A 72 -16.35 13.72 -4.30
N TYR A 73 -16.66 12.63 -5.00
CA TYR A 73 -17.51 11.59 -4.43
C TYR A 73 -16.71 10.54 -3.74
N ARG A 74 -15.42 10.51 -4.02
CA ARG A 74 -14.55 9.48 -3.48
C ARG A 74 -14.57 9.50 -1.96
N THR A 75 -14.69 8.34 -1.32
CA THR A 75 -14.47 8.32 0.16
C THR A 75 -13.70 7.10 0.72
N LEU A 76 -13.07 7.30 1.84
CA LEU A 76 -12.43 6.20 2.49
C LEU A 76 -13.43 5.54 3.48
N MET A 77 -13.60 4.24 3.28
CA MET A 77 -14.42 3.46 4.14
C MET A 77 -13.69 2.15 4.57
N SER A 78 -14.35 1.35 5.34
CA SER A 78 -13.78 0.07 5.75
C SER A 78 -14.77 -1.01 6.09
N VAL A 79 -14.27 -2.23 6.10
CA VAL A 79 -15.07 -3.38 6.37
C VAL A 79 -14.11 -4.28 7.10
N GLU A 80 -14.63 -5.27 7.76
CA GLU A 80 -13.75 -6.26 8.39
C GLU A 80 -13.04 -6.97 7.24
N ILE A 81 -11.75 -7.27 7.47
CA ILE A 81 -10.94 -7.97 6.46
C ILE A 81 -11.76 -9.16 5.93
N GLY A 82 -11.81 -9.30 4.61
CA GLY A 82 -12.50 -10.43 4.02
C GLY A 82 -13.89 -10.14 3.54
N GLN A 83 -14.59 -9.19 4.17
CA GLN A 83 -15.84 -8.69 3.58
C GLN A 83 -15.53 -7.88 2.31
N SER A 84 -16.49 -7.92 1.39
CA SER A 84 -16.45 -7.18 0.19
C SER A 84 -16.67 -5.77 0.72
N PRO A 85 -16.37 -4.77 -0.13
CA PRO A 85 -16.56 -3.39 0.24
C PRO A 85 -17.96 -2.99 -0.13
N ASN A 86 -18.88 -3.59 0.58
CA ASN A 86 -20.27 -3.50 0.28
C ASN A 86 -20.91 -2.41 1.10
N VAL A 87 -22.00 -1.91 0.57
CA VAL A 87 -22.66 -0.74 1.18
C VAL A 87 -23.09 -1.00 2.63
N TYR A 88 -23.61 -2.17 2.88
CA TYR A 88 -24.37 -2.43 4.12
C TYR A 88 -23.39 -2.87 5.24
N GLN A 89 -22.15 -3.16 4.88
CA GLN A 89 -21.17 -3.59 5.91
C GLN A 89 -20.13 -2.49 6.16
N ALA A 90 -20.20 -1.45 5.35
CA ALA A 90 -19.19 -0.39 5.32
C ALA A 90 -19.33 0.68 6.41
N ARG A 91 -18.13 0.94 6.99
CA ARG A 91 -17.85 1.96 7.97
C ARG A 91 -17.26 3.21 7.32
N PHE A 92 -17.90 4.33 7.42
CA PHE A 92 -17.38 5.49 6.81
C PHE A 92 -16.17 6.01 7.64
N GLU A 93 -15.08 6.30 6.95
CA GLU A 93 -13.91 6.92 7.55
C GLU A 93 -13.69 8.38 7.23
N ALA A 94 -13.38 8.72 5.97
CA ALA A 94 -13.07 10.07 5.64
C ALA A 94 -13.46 10.45 4.23
N VAL A 95 -13.44 11.74 3.93
CA VAL A 95 -13.69 12.06 2.53
C VAL A 95 -12.29 11.95 1.99
N ALA A 96 -12.11 11.30 0.83
CA ALA A 96 -10.76 11.01 0.33
C ALA A 96 -10.60 10.46 -1.08
N TRP A 97 -9.60 10.97 -1.82
CA TRP A 97 -9.15 10.30 -3.00
C TRP A 97 -7.70 9.82 -2.86
N SER A 98 -7.11 10.07 -1.67
CA SER A 98 -5.92 9.36 -1.26
C SER A 98 -6.04 9.19 0.28
N ALA A 99 -5.61 8.03 0.83
CA ALA A 99 -5.57 7.88 2.35
C ALA A 99 -4.56 6.91 3.02
N THR A 100 -4.48 7.00 4.33
CA THR A 100 -3.67 6.08 5.15
C THR A 100 -4.47 5.84 6.44
N ALA A 101 -4.51 4.62 6.97
CA ALA A 101 -5.07 4.41 8.35
C ALA A 101 -4.29 3.43 9.22
N CYS A 102 -4.43 3.58 10.55
CA CYS A 102 -3.68 2.72 11.43
C CYS A 102 -4.11 2.92 12.88
N HIS A 103 -4.03 1.85 13.68
CA HIS A 103 -4.55 1.85 15.00
C HIS A 103 -3.44 1.97 16.05
N ASP A 104 -3.65 2.78 17.07
CA ASP A 104 -2.55 3.02 18.03
C ASP A 104 -2.61 2.18 19.27
N GLY A 105 -3.42 1.13 19.22
CA GLY A 105 -3.89 0.43 20.41
C GLY A 105 -5.19 0.90 21.11
N LYS A 106 -5.47 2.21 21.14
CA LYS A 106 -6.76 2.71 21.59
C LYS A 106 -7.80 2.95 20.46
N LYS A 107 -7.42 3.67 19.41
CA LYS A 107 -8.39 4.09 18.41
C LYS A 107 -7.75 3.98 17.05
N TRP A 108 -8.61 3.85 16.05
CA TRP A 108 -8.27 4.22 14.68
C TRP A 108 -7.93 5.72 14.41
N MET A 109 -6.75 5.96 13.83
CA MET A 109 -6.38 7.14 13.06
C MET A 109 -6.60 6.88 11.57
N THR A 110 -6.87 7.92 10.85
CA THR A 110 -7.20 7.84 9.46
C THR A 110 -6.89 9.23 8.93
N ILE A 111 -6.49 9.37 7.67
CA ILE A 111 -6.15 10.64 7.03
C ILE A 111 -6.69 10.40 5.63
N GLY A 112 -7.56 11.27 5.20
CA GLY A 112 -8.13 11.23 3.88
C GLY A 112 -7.73 12.57 3.42
N VAL A 113 -7.41 12.63 2.13
CA VAL A 113 -6.97 13.80 1.43
C VAL A 113 -8.01 14.02 0.35
N THR A 114 -8.46 15.27 0.22
CA THR A 114 -9.51 15.57 -0.75
C THR A 114 -9.30 17.03 -1.26
N GLY A 115 -10.25 17.64 -1.94
CA GLY A 115 -10.12 19.00 -2.36
C GLY A 115 -9.50 19.06 -3.75
N PRO A 116 -9.23 20.28 -4.20
CA PRO A 116 -8.71 20.40 -5.55
C PRO A 116 -7.23 19.98 -5.58
N ASP A 117 -6.82 19.54 -6.75
CA ASP A 117 -5.43 19.32 -7.14
C ASP A 117 -4.46 20.44 -6.66
N ALA A 118 -4.73 21.70 -7.02
CA ALA A 118 -3.88 22.82 -6.61
C ALA A 118 -3.82 23.08 -5.14
N LYS A 119 -4.86 22.74 -4.39
CA LYS A 119 -4.87 23.04 -2.94
C LYS A 119 -5.58 21.95 -2.16
N ALA A 120 -5.05 20.73 -2.18
CA ALA A 120 -5.64 19.65 -1.43
C ALA A 120 -5.62 19.93 0.11
N VAL A 121 -6.63 19.35 0.75
CA VAL A 121 -6.70 19.18 2.22
C VAL A 121 -6.68 17.71 2.65
N ALA A 122 -5.71 17.39 3.48
CA ALA A 122 -5.68 16.11 4.26
C ALA A 122 -6.12 16.33 5.68
N VAL A 123 -7.12 15.56 6.12
CA VAL A 123 -7.78 15.68 7.40
C VAL A 123 -7.49 14.46 8.19
N VAL A 124 -6.88 14.64 9.34
CA VAL A 124 -6.63 13.55 10.27
C VAL A 124 -7.92 13.28 11.06
N HIS A 125 -8.41 12.03 11.08
CA HIS A 125 -9.43 11.70 12.03
C HIS A 125 -8.82 10.79 13.10
N TYR A 126 -9.55 10.72 14.18
CA TYR A 126 -9.16 10.01 15.37
C TYR A 126 -10.42 9.76 16.27
N GLY A 127 -10.65 8.49 16.61
CA GLY A 127 -11.85 8.05 17.29
C GLY A 127 -13.11 8.20 16.45
N GLY A 128 -12.95 8.37 15.17
CA GLY A 128 -14.12 8.56 14.29
C GLY A 128 -14.52 10.01 14.02
N ILE A 129 -13.70 10.98 14.44
CA ILE A 129 -13.91 12.42 14.07
C ILE A 129 -12.67 13.19 13.56
N PRO A 130 -12.87 14.21 12.67
CA PRO A 130 -11.77 15.13 12.33
C PRO A 130 -11.06 15.77 13.56
N THR A 131 -9.75 15.58 13.64
CA THR A 131 -8.94 16.21 14.70
C THR A 131 -7.84 17.16 14.24
N ASP A 132 -7.46 17.13 12.94
CA ASP A 132 -6.36 17.97 12.41
C ASP A 132 -6.26 17.96 10.88
N VAL A 133 -5.48 18.89 10.34
CA VAL A 133 -5.52 19.14 8.91
C VAL A 133 -4.09 19.44 8.51
N ILE A 134 -3.70 18.94 7.33
CA ILE A 134 -2.45 19.33 6.71
C ILE A 134 -2.78 19.71 5.26
N ASN A 135 -2.67 21.00 4.93
CA ASN A 135 -2.89 21.48 3.58
C ASN A 135 -1.67 21.25 2.66
N SER A 136 -1.95 21.13 1.33
CA SER A 136 -0.94 21.11 0.27
C SER A 136 0.07 22.22 0.50
N TRP A 137 1.35 21.84 0.53
CA TRP A 137 2.40 22.78 0.79
C TRP A 137 3.15 23.11 -0.50
N ALA A 138 2.98 22.27 -1.55
CA ALA A 138 3.62 22.44 -2.83
C ALA A 138 2.64 22.55 -4.01
N GLY A 139 1.36 22.58 -3.76
CA GLY A 139 0.35 22.92 -4.82
C GLY A 139 0.10 21.89 -5.93
N ASP A 140 0.39 20.62 -5.70
CA ASP A 140 0.32 19.63 -6.80
C ASP A 140 0.05 18.24 -6.25
N ILE A 141 -1.26 17.95 -6.09
CA ILE A 141 -1.83 16.67 -5.73
C ILE A 141 -1.17 16.10 -4.49
N LEU A 142 -1.44 16.78 -3.37
CA LEU A 142 -1.03 16.29 -2.05
C LEU A 142 -1.51 14.87 -1.97
N ARG A 143 -0.71 14.01 -1.38
CA ARG A 143 -1.04 12.57 -1.41
C ARG A 143 -0.23 11.79 -0.46
N THR A 144 -0.67 10.54 -0.21
CA THR A 144 -0.03 9.70 0.77
C THR A 144 -0.10 8.19 0.40
N GLN A 145 -0.02 7.31 1.42
CA GLN A 145 0.28 5.86 1.25
C GLN A 145 -0.68 4.95 0.44
N GLU A 146 -1.96 5.04 0.74
CA GLU A 146 -2.89 4.11 0.23
C GLU A 146 -2.61 2.76 0.84
N SER A 147 -1.92 2.75 2.01
CA SER A 147 -1.72 1.53 2.78
C SER A 147 -1.72 1.93 4.25
N SER A 148 -1.53 0.95 5.12
CA SER A 148 -1.46 1.23 6.53
C SER A 148 -0.35 2.21 6.97
N CYS A 149 -0.69 3.17 7.84
CA CYS A 149 0.37 3.88 8.50
C CYS A 149 0.84 3.07 9.70
N THR A 150 1.54 3.70 10.64
CA THR A 150 2.40 2.92 11.52
C THR A 150 2.49 3.61 12.87
N CYS A 151 2.04 2.96 13.95
CA CYS A 151 2.04 3.63 15.24
C CYS A 151 2.96 2.84 16.18
N ILE A 152 3.72 3.56 17.02
CA ILE A 152 4.81 2.99 17.81
C ILE A 152 4.78 3.83 19.10
N LEU A 153 4.35 3.22 20.20
CA LEU A 153 4.32 3.88 21.53
C LEU A 153 3.20 4.95 21.51
N GLY A 154 2.11 4.59 20.84
CA GLY A 154 0.95 5.47 20.76
C GLY A 154 1.16 6.67 19.87
N GLU A 155 2.25 6.68 19.11
CA GLU A 155 2.51 7.74 18.15
C GLU A 155 2.42 7.18 16.78
N CYS A 156 1.95 7.98 15.84
CA CYS A 156 1.67 7.43 14.52
C CYS A 156 2.46 8.15 13.45
N TYR A 157 2.90 7.37 12.44
CA TYR A 157 3.79 7.86 11.34
C TYR A 157 3.35 7.54 9.89
N TRP A 158 3.45 8.56 9.05
CA TRP A 158 3.07 8.43 7.65
C TRP A 158 3.85 9.36 6.76
N VAL A 159 3.91 8.92 5.52
CA VAL A 159 4.64 9.59 4.51
C VAL A 159 3.62 10.15 3.50
N MET A 160 3.80 11.44 3.17
CA MET A 160 3.08 12.13 2.06
C MET A 160 3.98 12.72 0.98
N THR A 161 3.41 12.92 -0.20
CA THR A 161 4.05 13.58 -1.29
C THR A 161 3.18 14.70 -1.82
N ASP A 162 3.85 15.70 -2.37
CA ASP A 162 3.24 16.87 -2.97
C ASP A 162 4.21 17.31 -4.07
N GLY A 163 3.76 17.24 -5.33
CA GLY A 163 4.54 17.68 -6.45
C GLY A 163 4.32 16.85 -7.73
N PRO A 164 5.27 16.96 -8.68
CA PRO A 164 5.05 16.34 -9.95
C PRO A 164 4.93 14.82 -9.86
N ALA A 165 4.11 14.25 -10.79
CA ALA A 165 3.97 12.78 -10.91
C ALA A 165 5.26 12.15 -11.42
N ASN A 166 5.95 12.92 -12.26
CA ASN A 166 6.94 12.43 -13.23
C ASN A 166 8.27 13.22 -13.23
N ARG A 167 8.47 14.06 -12.24
CA ARG A 167 9.78 14.67 -12.05
C ARG A 167 9.99 14.89 -10.55
N GLN A 168 11.00 15.66 -10.14
CA GLN A 168 11.26 15.90 -8.71
C GLN A 168 10.01 16.47 -8.04
N ALA A 169 9.59 15.79 -7.00
CA ALA A 169 8.59 16.34 -6.11
C ALA A 169 9.18 16.60 -4.72
N GLN A 170 8.29 16.76 -3.74
CA GLN A 170 8.69 17.03 -2.36
C GLN A 170 8.00 16.02 -1.40
N TYR A 171 8.74 15.56 -0.39
CA TYR A 171 8.36 14.43 0.47
C TYR A 171 8.49 14.71 2.00
N ARG A 172 7.41 14.62 2.76
CA ARG A 172 7.51 14.88 4.25
C ARG A 172 7.06 13.62 4.93
N ALA A 173 7.57 13.32 6.13
CA ALA A 173 6.94 12.40 7.03
C ALA A 173 6.27 13.18 8.12
N PHE A 174 5.20 12.59 8.63
CA PHE A 174 4.46 13.16 9.72
C PHE A 174 4.45 12.22 10.88
N LYS A 175 4.34 12.84 12.05
CA LYS A 175 4.21 12.14 13.33
C LYS A 175 2.96 12.70 14.09
N ALA A 176 2.06 11.80 14.43
CA ALA A 176 0.81 12.14 15.11
C ALA A 176 0.71 11.45 16.42
N LYS A 177 0.11 12.12 17.41
CA LYS A 177 -0.34 11.47 18.63
C LYS A 177 -1.79 11.85 18.94
N GLN A 178 -2.58 10.83 19.17
CA GLN A 178 -4.02 10.91 19.22
C GLN A 178 -4.65 11.98 18.28
N GLY A 179 -4.36 11.87 16.97
CA GLY A 179 -4.96 12.69 15.87
C GLY A 179 -4.47 14.13 15.76
N LYS A 180 -3.42 14.45 16.53
CA LYS A 180 -2.81 15.76 16.57
C LYS A 180 -1.41 15.58 15.95
N ILE A 181 -1.11 16.27 14.84
CA ILE A 181 0.22 16.22 14.24
C ILE A 181 1.14 16.94 15.19
N ILE A 182 2.08 16.21 15.79
CA ILE A 182 3.06 16.80 16.72
C ILE A 182 4.48 16.86 16.13
N GLY A 183 4.65 16.57 14.83
CA GLY A 183 5.96 16.61 14.24
C GLY A 183 6.02 16.23 12.80
N GLN A 184 6.89 16.89 12.05
CA GLN A 184 7.10 16.59 10.65
C GLN A 184 8.54 16.84 10.26
N VAL A 185 8.92 16.22 9.15
CA VAL A 185 10.28 16.33 8.64
C VAL A 185 10.24 16.29 7.14
N GLU A 186 11.06 17.16 6.56
CA GLU A 186 11.23 17.33 5.13
C GLU A 186 12.34 16.44 4.70
N ILE A 187 12.03 15.62 3.69
CA ILE A 187 12.84 14.48 3.38
C ILE A 187 13.68 14.89 2.20
N SER A 188 15.00 14.99 2.41
CA SER A 188 15.92 15.32 1.31
C SER A 188 16.12 14.12 0.41
N PHE A 189 15.67 14.23 -0.84
CA PHE A 189 15.94 13.18 -1.77
C PHE A 189 15.99 13.69 -3.23
N ASN A 190 17.08 14.43 -3.58
CA ASN A 190 17.19 15.05 -4.91
C ASN A 190 17.59 14.03 -6.00
N GLY A 191 16.83 14.00 -7.10
CA GLY A 191 17.03 12.98 -8.12
C GLY A 191 16.20 11.72 -7.91
N GLY A 192 15.75 11.47 -6.69
CA GLY A 192 14.86 10.40 -6.34
C GLY A 192 13.41 10.85 -6.19
N HIS A 193 12.51 9.89 -6.34
CA HIS A 193 11.09 10.17 -6.27
C HIS A 193 10.36 9.17 -5.38
N ILE A 194 9.45 9.68 -4.55
CA ILE A 194 8.82 8.91 -3.48
C ILE A 194 7.32 9.13 -3.46
N GLU A 195 6.58 8.05 -3.59
CA GLU A 195 5.12 8.09 -3.45
C GLU A 195 4.60 6.81 -2.87
N GLU A 196 3.43 6.85 -2.26
CA GLU A 196 2.75 5.61 -1.92
C GLU A 196 3.56 4.61 -1.13
N CYS A 197 4.03 4.98 0.06
CA CYS A 197 4.99 4.14 0.72
C CYS A 197 4.31 3.02 1.35
N SER A 198 4.99 1.88 1.37
CA SER A 198 4.49 0.76 2.17
C SER A 198 5.36 0.66 3.39
N CYS A 199 4.75 0.88 4.56
CA CYS A 199 5.49 1.03 5.83
C CYS A 199 4.98 0.05 6.85
N TYR A 200 5.89 -0.40 7.72
CA TYR A 200 5.63 -1.33 8.79
C TYR A 200 6.65 -1.10 9.97
N PRO A 201 6.28 -1.46 11.16
CA PRO A 201 7.22 -1.27 12.26
C PRO A 201 8.29 -2.39 12.34
N ASN A 202 9.50 -2.03 12.74
CA ASN A 202 10.58 -3.02 12.86
C ASN A 202 11.64 -2.54 13.89
N ASP A 203 11.76 -3.24 15.01
CA ASP A 203 12.81 -2.94 16.02
C ASP A 203 12.79 -1.47 16.43
N GLY A 204 11.61 -0.88 16.58
CA GLY A 204 11.46 0.51 17.02
C GLY A 204 11.51 1.66 16.00
N LYS A 205 11.49 1.33 14.71
CA LYS A 205 11.48 2.38 13.65
C LYS A 205 10.44 2.04 12.60
N VAL A 206 10.07 3.03 11.80
CA VAL A 206 9.25 2.76 10.65
C VAL A 206 10.12 2.48 9.45
N GLU A 207 9.85 1.37 8.81
CA GLU A 207 10.46 1.05 7.53
C GLU A 207 9.43 1.13 6.39
N CYS A 208 9.85 1.67 5.24
CA CYS A 208 8.96 1.92 4.13
C CYS A 208 9.75 1.52 2.90
N VAL A 209 8.99 1.12 1.89
CA VAL A 209 9.47 0.70 0.60
C VAL A 209 8.33 1.29 -0.29
N CYS A 210 8.74 2.18 -1.22
CA CYS A 210 7.84 3.18 -1.78
C CYS A 210 7.90 3.09 -3.29
N ARG A 211 7.33 4.08 -3.94
CA ARG A 211 7.24 4.06 -5.37
C ARG A 211 7.96 5.26 -5.93
N ASP A 212 8.83 5.05 -6.94
CA ASP A 212 9.51 6.15 -7.60
C ASP A 212 8.79 6.24 -8.93
N ASN A 213 8.18 7.36 -9.17
CA ASN A 213 7.41 7.49 -10.39
C ASN A 213 8.04 8.26 -11.51
N TRP A 214 9.32 8.58 -11.37
CA TRP A 214 10.13 9.44 -12.27
C TRP A 214 11.13 8.64 -13.10
N THR A 215 12.27 8.25 -12.50
CA THR A 215 13.38 7.61 -13.25
C THR A 215 13.64 6.16 -12.95
N GLY A 216 13.11 5.65 -11.81
CA GLY A 216 13.64 4.43 -11.16
C GLY A 216 12.72 3.22 -11.23
N THR A 217 13.25 2.12 -11.77
CA THR A 217 12.64 0.78 -11.67
C THR A 217 12.95 0.07 -10.33
N ASN A 218 13.66 0.74 -9.43
CA ASN A 218 13.86 0.21 -8.08
C ASN A 218 13.07 1.05 -7.11
N ARG A 219 12.70 0.50 -5.96
CA ARG A 219 11.80 1.21 -5.07
C ARG A 219 12.62 1.98 -4.04
N PRO A 220 12.28 3.25 -3.69
CA PRO A 220 12.96 3.86 -2.54
C PRO A 220 12.61 3.14 -1.26
N VAL A 221 13.62 3.05 -0.40
CA VAL A 221 13.51 2.73 1.05
C VAL A 221 13.74 3.93 1.97
N LEU A 222 12.76 4.20 2.82
CA LEU A 222 12.85 5.25 3.79
C LEU A 222 12.68 4.58 5.14
N VAL A 223 13.67 4.72 6.02
CA VAL A 223 13.60 4.28 7.43
C VAL A 223 13.59 5.48 8.40
N ILE A 224 12.51 5.66 9.15
CA ILE A 224 12.28 6.86 9.98
C ILE A 224 12.29 6.44 11.43
N SER A 225 13.06 7.14 12.25
CA SER A 225 13.10 6.97 13.70
C SER A 225 12.03 7.81 14.47
N PRO A 226 11.66 7.36 15.72
CA PRO A 226 10.64 7.98 16.60
C PRO A 226 10.71 9.51 16.59
N ASP A 227 11.94 9.99 16.69
CA ASP A 227 12.26 11.41 16.75
C ASP A 227 12.48 12.05 15.36
N LEU A 228 12.26 11.28 14.29
CA LEU A 228 12.16 11.81 12.92
C LEU A 228 13.45 12.06 12.17
N SER A 229 14.54 11.54 12.69
CA SER A 229 15.74 11.44 11.88
C SER A 229 15.39 10.31 10.89
N TYR A 230 16.00 10.28 9.71
CA TYR A 230 15.68 9.23 8.78
C TYR A 230 16.86 8.85 7.93
N ARG A 231 16.76 7.67 7.32
CA ARG A 231 17.66 7.26 6.26
C ARG A 231 16.80 7.11 5.00
N VAL A 232 17.32 7.53 3.87
CA VAL A 232 16.59 7.31 2.63
C VAL A 232 17.61 6.76 1.63
N GLY A 233 17.20 5.78 0.86
CA GLY A 233 18.03 5.33 -0.22
C GLY A 233 17.14 4.50 -1.08
N TYR A 234 17.74 3.60 -1.81
CA TYR A 234 16.96 2.63 -2.56
C TYR A 234 17.11 1.21 -2.06
N LEU A 235 16.06 0.42 -2.26
CA LEU A 235 16.18 -1.06 -2.04
C LEU A 235 17.48 -1.61 -2.65
N CYS A 236 18.41 -1.98 -1.80
CA CYS A 236 19.67 -2.52 -2.25
C CYS A 236 19.57 -3.74 -3.22
N ALA A 237 18.69 -4.70 -2.97
CA ALA A 237 18.69 -5.96 -3.76
C ALA A 237 18.88 -5.78 -5.30
N GLY A 238 19.66 -6.71 -5.87
CA GLY A 238 20.00 -6.70 -7.30
C GLY A 238 18.88 -7.16 -8.21
N LEU A 239 17.64 -7.14 -7.68
CA LEU A 239 16.43 -7.22 -8.51
C LEU A 239 15.54 -5.99 -8.45
N SER A 240 14.77 -5.85 -9.50
CA SER A 240 14.03 -4.65 -9.75
C SER A 240 12.68 -5.00 -9.13
N SER A 241 11.95 -4.10 -8.52
CA SER A 241 10.58 -4.50 -8.13
C SER A 241 9.46 -3.59 -8.53
N ASP A 242 9.77 -2.53 -9.29
CA ASP A 242 8.71 -1.66 -9.84
C ASP A 242 8.10 -2.23 -11.14
N THR A 243 6.95 -1.70 -11.56
CA THR A 243 6.55 -1.95 -12.98
C THR A 243 6.06 -0.63 -13.47
N PRO A 244 6.39 -0.25 -14.73
CA PRO A 244 7.23 -1.01 -15.66
C PRO A 244 8.69 -1.07 -15.16
N ARG A 245 9.39 -2.16 -15.45
CA ARG A 245 10.85 -2.32 -15.14
C ARG A 245 11.56 -3.03 -16.28
N GLY A 246 12.89 -3.09 -16.26
CA GLY A 246 13.65 -3.84 -17.26
C GLY A 246 13.79 -5.33 -16.92
N GLU A 247 14.63 -6.04 -17.69
CA GLU A 247 14.93 -7.43 -17.38
C GLU A 247 15.75 -7.50 -16.08
N ASP A 248 15.76 -8.66 -15.48
CA ASP A 248 16.60 -8.95 -14.32
C ASP A 248 18.10 -9.05 -14.70
N SER A 249 18.37 -9.81 -15.76
CA SER A 249 19.71 -9.91 -16.36
C SER A 249 20.17 -8.62 -17.05
N GLN A 250 19.32 -7.59 -17.10
CA GLN A 250 19.78 -6.30 -17.57
C GLN A 250 20.00 -5.30 -16.43
N PHE A 251 19.94 -5.76 -15.17
CA PHE A 251 19.75 -4.87 -14.07
C PHE A 251 20.79 -5.02 -12.97
N THR A 252 21.41 -3.88 -12.62
CA THR A 252 22.35 -3.82 -11.46
C THR A 252 21.78 -3.08 -10.25
N GLY A 253 21.79 -3.68 -9.07
CA GLY A 253 21.19 -3.00 -7.89
C GLY A 253 21.87 -1.69 -7.54
N SER A 254 21.20 -0.86 -6.76
CA SER A 254 21.80 0.32 -6.10
C SER A 254 21.17 0.61 -4.77
N CYS A 255 22.00 0.90 -3.76
CA CYS A 255 21.51 1.33 -2.45
C CYS A 255 21.14 2.80 -2.42
N THR A 256 21.65 3.58 -3.38
CA THR A 256 21.58 5.05 -3.36
C THR A 256 20.93 5.73 -4.59
N SER A 257 20.65 4.99 -5.66
CA SER A 257 20.22 5.63 -6.94
C SER A 257 19.12 4.89 -7.71
N PRO A 258 18.15 5.64 -8.26
CA PRO A 258 17.25 4.96 -9.15
C PRO A 258 18.02 4.40 -10.34
N VAL A 259 17.68 3.19 -10.74
CA VAL A 259 18.35 2.50 -11.83
C VAL A 259 17.20 2.02 -12.74
N GLY A 260 17.49 1.86 -14.02
CA GLY A 260 16.48 1.50 -15.01
C GLY A 260 15.99 2.79 -15.57
N ASN A 261 15.60 2.82 -16.84
CA ASN A 261 15.43 4.14 -17.47
C ASN A 261 13.99 4.42 -17.87
N GLN A 262 13.11 4.34 -16.87
CA GLN A 262 11.68 4.42 -17.12
C GLN A 262 10.96 5.25 -16.08
N GLY A 263 9.88 5.87 -16.56
CA GLY A 263 8.83 6.41 -15.71
C GLY A 263 7.72 5.46 -15.26
N TYR A 264 6.67 6.09 -14.75
CA TYR A 264 5.54 5.41 -14.13
C TYR A 264 5.97 4.41 -13.01
N GLY A 265 5.00 3.67 -12.51
CA GLY A 265 5.26 2.61 -11.56
C GLY A 265 3.96 2.02 -11.10
N VAL A 266 4.08 1.42 -9.95
CA VAL A 266 2.96 0.92 -9.24
C VAL A 266 3.43 0.88 -7.75
N LYS A 267 2.45 0.95 -6.88
CA LYS A 267 2.67 0.83 -5.43
C LYS A 267 3.02 -0.61 -5.08
N GLY A 268 3.97 -0.80 -4.16
CA GLY A 268 4.26 -2.15 -3.73
C GLY A 268 4.90 -2.13 -2.37
N PHE A 269 5.39 -3.27 -1.95
CA PHE A 269 5.92 -3.36 -0.57
C PHE A 269 7.24 -4.10 -0.50
N GLY A 270 7.77 -4.20 0.72
CA GLY A 270 8.72 -5.20 1.02
C GLY A 270 9.14 -5.24 2.46
N PHE A 271 9.71 -6.37 2.91
CA PHE A 271 10.10 -6.61 4.32
C PHE A 271 11.58 -6.89 4.56
N ARG A 272 12.16 -6.06 5.43
CA ARG A 272 13.47 -6.30 5.93
C ARG A 272 13.38 -7.62 6.68
N GLN A 273 14.34 -8.53 6.45
CA GLN A 273 14.43 -9.82 7.15
C GLN A 273 15.84 -10.06 7.64
N GLY A 274 16.21 -9.45 8.77
CA GLY A 274 17.64 -9.24 9.15
C GLY A 274 18.37 -8.43 8.08
N ASN A 275 19.20 -9.09 7.28
CA ASN A 275 19.87 -8.41 6.20
C ASN A 275 19.20 -8.78 4.86
N ASP A 276 18.36 -9.80 4.89
CA ASP A 276 17.64 -10.26 3.68
C ASP A 276 16.37 -9.40 3.47
N VAL A 277 15.62 -9.75 2.43
CA VAL A 277 14.38 -9.10 2.16
C VAL A 277 13.39 -9.99 1.43
N TRP A 278 12.11 -9.77 1.66
CA TRP A 278 11.06 -10.31 0.83
C TRP A 278 10.64 -9.09 0.01
N MET A 279 10.31 -9.26 -1.26
CA MET A 279 10.01 -8.10 -2.08
C MET A 279 8.95 -8.63 -3.01
N GLY A 280 7.83 -7.93 -3.12
CA GLY A 280 6.79 -8.28 -4.06
C GLY A 280 7.12 -7.61 -5.37
N ARG A 281 6.66 -8.20 -6.47
CA ARG A 281 6.54 -7.46 -7.71
C ARG A 281 5.55 -8.13 -8.68
N THR A 282 5.10 -7.40 -9.69
CA THR A 282 4.26 -8.07 -10.66
C THR A 282 5.06 -9.03 -11.52
N ILE A 283 4.45 -10.09 -12.02
CA ILE A 283 5.29 -10.98 -12.80
C ILE A 283 5.62 -10.33 -14.13
N SER A 284 4.66 -9.58 -14.69
CA SER A 284 4.98 -8.86 -15.91
C SER A 284 5.75 -7.60 -15.55
N ARG A 285 6.84 -7.42 -16.28
CA ARG A 285 7.65 -6.23 -16.23
C ARG A 285 6.96 -5.07 -16.98
N THR A 286 6.06 -5.35 -17.92
CA THR A 286 5.32 -4.27 -18.65
C THR A 286 3.93 -3.95 -18.05
N SER A 287 3.23 -4.96 -17.53
CA SER A 287 1.90 -4.75 -17.01
C SER A 287 1.69 -5.16 -15.58
N ARG A 288 0.64 -4.55 -15.01
CA ARG A 288 0.03 -4.88 -13.75
C ARG A 288 -0.73 -6.20 -13.78
N SER A 289 0.06 -7.27 -13.82
CA SER A 289 -0.42 -8.62 -13.94
C SER A 289 0.51 -9.65 -13.23
N GLY A 290 -0.12 -10.64 -12.62
CA GLY A 290 0.56 -11.64 -11.81
C GLY A 290 1.16 -11.01 -10.56
N PHE A 291 1.39 -11.81 -9.55
CA PHE A 291 2.09 -11.29 -8.42
C PHE A 291 2.90 -12.37 -7.80
N GLU A 292 4.15 -12.00 -7.52
CA GLU A 292 5.10 -12.90 -6.89
C GLU A 292 5.68 -12.20 -5.70
N ILE A 293 6.27 -13.00 -4.85
CA ILE A 293 7.10 -12.49 -3.76
C ILE A 293 8.46 -13.21 -3.79
N LEU A 294 9.52 -12.46 -3.61
CA LEU A 294 10.85 -12.99 -3.80
C LEU A 294 11.64 -12.71 -2.49
N LYS A 295 12.27 -13.74 -1.97
CA LYS A 295 13.21 -13.53 -0.86
C LYS A 295 14.62 -13.51 -1.40
N VAL A 296 15.35 -12.44 -1.14
CA VAL A 296 16.73 -12.29 -1.56
C VAL A 296 17.69 -12.22 -0.38
N ARG A 297 18.78 -12.97 -0.50
CA ARG A 297 19.76 -13.05 0.57
C ARG A 297 20.59 -11.78 0.56
N ASN A 298 20.77 -11.19 1.75
CA ASN A 298 21.52 -9.95 1.87
C ASN A 298 20.97 -8.80 1.00
N GLY A 299 19.75 -8.94 0.46
CA GLY A 299 19.19 -7.99 -0.53
C GLY A 299 18.81 -6.64 0.03
N TRP A 300 18.79 -6.54 1.36
CA TRP A 300 18.49 -5.27 2.01
C TRP A 300 19.71 -4.43 2.24
N VAL A 301 20.87 -5.10 2.25
CA VAL A 301 22.13 -4.47 2.53
C VAL A 301 23.08 -4.45 1.29
N GLN A 302 22.88 -5.32 0.29
CA GLN A 302 23.81 -5.46 -0.84
C GLN A 302 23.01 -5.63 -2.14
N THR A 303 23.63 -5.36 -3.29
CA THR A 303 22.91 -5.50 -4.58
C THR A 303 22.88 -6.95 -5.00
N SER A 304 22.36 -7.78 -4.10
CA SER A 304 22.35 -9.23 -4.24
C SER A 304 21.40 -9.64 -5.34
N LYS A 305 21.72 -10.70 -6.04
CA LYS A 305 20.74 -11.38 -6.81
C LYS A 305 20.70 -12.83 -6.44
N GLU A 306 20.92 -13.12 -5.15
CA GLU A 306 20.71 -14.44 -4.59
C GLU A 306 19.26 -14.57 -4.13
N GLN A 307 18.43 -15.18 -4.96
CA GLN A 307 17.01 -15.42 -4.63
C GLN A 307 17.03 -16.71 -3.86
N ILE A 308 16.25 -16.81 -2.79
CA ILE A 308 16.29 -18.02 -1.92
C ILE A 308 14.90 -18.63 -1.77
N LYS A 309 13.89 -17.76 -1.82
CA LYS A 309 12.53 -18.21 -2.05
C LYS A 309 11.73 -17.41 -3.12
N ARG A 310 10.81 -18.08 -3.83
CA ARG A 310 9.75 -17.38 -4.59
C ARG A 310 8.39 -18.08 -4.50
N GLN A 311 7.40 -17.25 -4.36
CA GLN A 311 6.07 -17.66 -4.09
C GLN A 311 5.13 -16.80 -4.91
N VAL A 312 4.35 -17.48 -5.73
CA VAL A 312 3.37 -16.83 -6.62
C VAL A 312 2.00 -16.90 -5.92
N VAL A 313 1.33 -15.74 -5.98
CA VAL A 313 0.03 -15.51 -5.40
C VAL A 313 -1.04 -15.24 -6.48
N VAL A 314 -0.64 -14.67 -7.64
CA VAL A 314 -1.54 -14.43 -8.79
C VAL A 314 -0.76 -14.72 -10.08
N ASP A 315 -1.38 -15.46 -11.00
CA ASP A 315 -0.71 -15.98 -12.19
C ASP A 315 -0.56 -14.91 -13.21
N ASN A 316 0.35 -15.10 -14.17
CA ASN A 316 0.64 -14.03 -15.14
C ASN A 316 -0.43 -13.86 -16.25
N LEU A 317 -1.47 -14.66 -16.17
CA LEU A 317 -2.60 -14.46 -17.05
C LEU A 317 -3.64 -13.56 -16.41
N ASN A 318 -3.42 -13.19 -15.13
CA ASN A 318 -4.44 -12.49 -14.36
C ASN A 318 -3.98 -11.14 -13.74
N ARG A 319 -4.94 -10.24 -13.60
CA ARG A 319 -4.65 -8.84 -13.32
C ARG A 319 -4.24 -8.76 -11.91
N SER A 320 -3.31 -7.87 -11.67
CA SER A 320 -2.96 -7.48 -10.34
C SER A 320 -3.09 -5.95 -10.27
N GLY A 321 -2.28 -5.32 -9.46
CA GLY A 321 -2.45 -3.91 -9.15
C GLY A 321 -1.44 -3.55 -8.07
N TYR A 322 -1.90 -2.74 -7.13
CA TYR A 322 -1.15 -2.34 -5.96
C TYR A 322 -0.92 -3.48 -4.95
N SER A 323 0.09 -3.31 -4.12
CA SER A 323 0.36 -4.22 -3.02
C SER A 323 0.88 -3.39 -1.93
N GLY A 324 0.78 -3.88 -0.70
CA GLY A 324 1.19 -3.04 0.42
C GLY A 324 1.46 -3.91 1.58
N SER A 325 2.20 -3.38 2.57
CA SER A 325 2.63 -4.09 3.81
C SER A 325 1.73 -3.80 5.08
N PHE A 326 1.66 -4.75 6.04
CA PHE A 326 1.16 -4.49 7.38
C PHE A 326 1.61 -5.59 8.30
N THR A 327 1.50 -5.32 9.62
CA THR A 327 1.81 -6.32 10.63
C THR A 327 0.68 -6.69 11.57
N LEU A 328 0.73 -7.92 12.07
CA LEU A 328 -0.27 -8.38 13.02
C LEU A 328 0.29 -7.92 14.35
N PRO A 329 -0.58 -7.35 15.18
CA PRO A 329 -0.16 -6.95 16.54
C PRO A 329 0.08 -8.15 17.49
N VAL A 330 0.90 -7.92 18.52
CA VAL A 330 1.25 -8.91 19.54
C VAL A 330 0.06 -9.29 20.45
N GLU A 331 -0.88 -8.36 20.56
CA GLU A 331 -2.09 -8.54 21.33
C GLU A 331 -3.00 -9.57 20.66
N LEU A 332 -2.90 -9.69 19.33
CA LEU A 332 -3.54 -10.75 18.56
C LEU A 332 -2.73 -12.05 18.41
N THR A 333 -1.43 -11.99 18.08
CA THR A 333 -0.71 -13.23 17.73
C THR A 333 -0.06 -13.97 18.92
N LYS A 334 0.17 -13.22 20.00
CA LYS A 334 0.96 -13.61 21.20
C LYS A 334 2.41 -14.03 20.94
N ARG A 335 2.96 -13.52 19.86
CA ARG A 335 4.35 -13.79 19.51
C ARG A 335 5.38 -12.83 20.14
N ASP A 336 6.64 -13.24 20.00
CA ASP A 336 7.81 -12.45 20.27
C ASP A 336 8.00 -11.34 19.20
N CYS A 337 7.25 -11.35 18.11
CA CYS A 337 7.59 -10.49 16.98
C CYS A 337 6.40 -10.09 16.14
N LEU A 338 6.67 -9.22 15.19
CA LEU A 338 5.60 -8.60 14.49
C LEU A 338 5.42 -9.37 13.20
N VAL A 339 4.21 -9.83 12.93
CA VAL A 339 4.02 -10.70 11.75
C VAL A 339 3.79 -9.98 10.40
N PRO A 340 4.61 -10.32 9.42
CA PRO A 340 4.46 -9.44 8.29
C PRO A 340 3.37 -10.05 7.41
N CYS A 341 2.59 -9.17 6.82
CA CYS A 341 1.53 -9.51 5.93
C CYS A 341 1.44 -8.47 4.84
N PHE A 342 0.96 -8.90 3.68
CA PHE A 342 0.74 -8.01 2.57
C PHE A 342 -0.60 -8.31 1.99
N TRP A 343 -1.12 -7.29 1.32
CA TRP A 343 -2.30 -7.42 0.49
C TRP A 343 -1.95 -7.18 -0.97
N VAL A 344 -2.75 -7.68 -1.89
CA VAL A 344 -2.63 -7.38 -3.29
C VAL A 344 -3.98 -6.99 -3.82
N GLU A 345 -3.96 -5.94 -4.62
CA GLU A 345 -5.12 -5.46 -5.29
C GLU A 345 -5.12 -6.01 -6.73
N MET A 346 -6.32 -6.35 -7.19
CA MET A 346 -6.53 -7.02 -8.49
C MET A 346 -7.48 -6.18 -9.33
N ILE A 347 -6.90 -5.33 -10.16
CA ILE A 347 -7.64 -4.24 -10.73
C ILE A 347 -8.35 -4.81 -11.94
N ARG A 348 -9.65 -4.56 -12.01
CA ARG A 348 -10.45 -4.96 -13.16
C ARG A 348 -11.08 -3.78 -13.86
N GLY A 349 -11.42 -4.00 -15.15
CA GLY A 349 -12.08 -2.98 -16.02
C GLY A 349 -11.24 -2.09 -16.91
N LYS A 350 -11.84 -0.98 -17.35
CA LYS A 350 -11.18 -0.07 -18.31
C LYS A 350 -9.90 0.51 -17.73
N PRO A 351 -8.95 0.86 -18.61
CA PRO A 351 -8.95 0.77 -20.09
C PRO A 351 -8.60 -0.63 -20.62
N ALA A 352 -7.78 -1.36 -19.84
CA ALA A 352 -7.48 -2.80 -20.06
C ALA A 352 -8.62 -3.59 -20.64
N GLU A 353 -9.78 -3.45 -20.03
CA GLU A 353 -10.92 -4.32 -20.32
C GLU A 353 -12.02 -3.43 -20.90
N LYS A 354 -12.88 -3.98 -21.74
CA LYS A 354 -13.91 -3.17 -22.39
C LYS A 354 -15.17 -2.91 -21.50
N THR A 355 -15.05 -2.08 -20.46
CA THR A 355 -16.19 -1.70 -19.63
C THR A 355 -16.22 -0.21 -19.44
N ILE A 356 -17.29 0.32 -18.88
CA ILE A 356 -17.36 1.74 -18.56
C ILE A 356 -16.66 2.03 -17.19
N TRP A 357 -16.34 1.00 -16.43
CA TRP A 357 -16.01 1.23 -15.01
C TRP A 357 -14.67 0.63 -14.75
N THR A 358 -14.15 0.88 -13.55
CA THR A 358 -12.95 0.27 -13.16
C THR A 358 -13.02 0.00 -11.70
N SER A 359 -12.72 -1.22 -11.32
CA SER A 359 -12.61 -1.50 -9.88
C SER A 359 -11.47 -2.37 -9.52
N SER A 360 -11.48 -2.74 -8.24
CA SER A 360 -10.42 -3.51 -7.63
C SER A 360 -10.97 -4.53 -6.61
N SER A 361 -10.40 -5.74 -6.59
CA SER A 361 -10.60 -6.67 -5.46
C SER A 361 -9.29 -6.94 -4.75
N SER A 362 -9.28 -7.89 -3.81
CA SER A 362 -8.05 -8.13 -3.00
C SER A 362 -7.93 -9.51 -2.41
N ILE A 363 -6.68 -9.88 -2.19
CA ILE A 363 -6.33 -11.00 -1.37
C ILE A 363 -5.18 -10.60 -0.41
N VAL A 364 -5.18 -11.26 0.73
CA VAL A 364 -4.30 -10.91 1.83
C VAL A 364 -3.49 -12.15 2.24
N MET A 365 -2.18 -12.00 2.17
CA MET A 365 -1.24 -13.03 2.65
C MET A 365 -0.52 -12.66 3.97
N CYS A 366 -0.19 -13.66 4.77
CA CYS A 366 0.57 -13.42 6.00
C CYS A 366 1.75 -14.38 6.19
N GLY A 367 2.76 -13.89 6.88
CA GLY A 367 3.99 -14.67 7.08
C GLY A 367 3.80 -15.79 8.09
N VAL A 368 4.36 -16.95 7.74
CA VAL A 368 4.19 -18.25 8.45
C VAL A 368 5.55 -18.96 8.44
N ASP A 369 5.72 -20.05 9.23
CA ASP A 369 7.07 -20.65 9.40
C ASP A 369 7.28 -21.90 8.55
N HIS A 370 6.59 -21.95 7.42
CA HIS A 370 6.62 -23.10 6.56
C HIS A 370 6.44 -22.52 5.16
N GLU A 371 7.21 -23.05 4.23
CA GLU A 371 7.15 -22.65 2.85
C GLU A 371 5.73 -22.96 2.40
N VAL A 372 5.33 -22.36 1.27
CA VAL A 372 3.94 -22.39 0.81
C VAL A 372 3.93 -22.39 -0.72
N ALA A 373 3.04 -23.22 -1.23
CA ALA A 373 3.14 -23.68 -2.58
C ALA A 373 2.46 -22.66 -3.45
N ASP A 374 2.86 -22.60 -4.72
CA ASP A 374 2.33 -21.64 -5.64
C ASP A 374 0.87 -21.93 -5.91
N TRP A 375 0.17 -20.86 -6.31
CA TRP A 375 -1.19 -20.91 -6.81
C TRP A 375 -1.61 -19.52 -7.20
N SER A 376 -2.86 -19.37 -7.61
CA SER A 376 -3.38 -18.07 -8.04
C SER A 376 -4.74 -17.82 -7.42
N TRP A 377 -4.84 -16.74 -6.63
CA TRP A 377 -6.10 -16.39 -5.97
C TRP A 377 -6.60 -15.10 -6.68
N HIS A 378 -6.79 -15.22 -7.99
CA HIS A 378 -6.99 -14.06 -8.80
C HIS A 378 -8.40 -13.62 -8.57
N ASP A 379 -8.77 -12.54 -9.26
CA ASP A 379 -10.06 -11.88 -9.01
C ASP A 379 -11.28 -12.65 -9.56
N GLY A 380 -11.13 -13.27 -10.73
CA GLY A 380 -12.18 -14.18 -11.16
C GLY A 380 -13.57 -13.69 -11.62
N ALA A 381 -13.76 -12.39 -11.74
CA ALA A 381 -14.95 -11.78 -12.32
C ALA A 381 -15.08 -11.98 -13.83
N ILE A 382 -16.24 -12.40 -14.28
CA ILE A 382 -16.47 -12.59 -15.76
C ILE A 382 -16.91 -11.24 -16.31
N LEU A 383 -16.08 -10.62 -17.16
CA LEU A 383 -16.37 -9.28 -17.68
C LEU A 383 -16.78 -9.46 -19.14
N PRO A 384 -17.62 -8.56 -19.68
CA PRO A 384 -18.04 -7.32 -19.10
C PRO A 384 -19.32 -7.59 -18.34
N PHE A 385 -19.83 -6.55 -17.67
CA PHE A 385 -20.94 -6.66 -16.70
C PHE A 385 -22.17 -6.17 -17.39
N ASP A 386 -23.32 -6.08 -16.72
CA ASP A 386 -24.60 -5.83 -17.45
C ASP A 386 -24.63 -4.34 -17.84
N ILE A 387 -24.21 -3.50 -16.92
CA ILE A 387 -24.22 -2.09 -17.19
C ILE A 387 -23.36 -1.71 -18.42
N ASP A 388 -22.42 -2.56 -18.80
CA ASP A 388 -21.57 -2.31 -19.94
C ASP A 388 -22.33 -2.67 -21.21
C1 NAG B . -20.85 6.75 -19.91
C2 NAG B . -22.18 6.48 -20.62
C3 NAG B . -22.33 7.09 -22.03
C4 NAG B . -21.68 8.49 -22.17
C5 NAG B . -20.38 8.57 -21.37
C6 NAG B . -19.81 10.00 -21.50
C7 NAG B . -23.34 4.49 -19.77
C8 NAG B . -23.54 3.01 -19.93
N2 NAG B . -22.48 5.06 -20.63
O3 NAG B . -23.71 7.16 -22.32
O4 NAG B . -21.36 8.80 -23.52
O5 NAG B . -20.64 8.15 -20.01
O6 NAG B . -20.79 10.85 -20.98
O7 NAG B . -23.93 5.10 -18.86
C1 FUC B . -20.70 12.23 -21.35
C2 FUC B . -22.01 12.89 -20.94
C3 FUC B . -22.13 12.72 -19.42
C4 FUC B . -20.96 13.46 -18.80
C5 FUC B . -19.64 12.86 -19.28
C6 FUC B . -18.46 13.64 -18.71
O2 FUC B . -23.11 12.33 -21.64
O3 FUC B . -23.33 13.21 -18.85
O4 FUC B . -21.02 14.82 -19.19
O5 FUC B . -19.62 12.89 -20.71
C1 ZMR C . -2.26 4.47 -10.27
O1A ZMR C . -3.02 3.52 -10.49
O1B ZMR C . -1.14 4.48 -10.76
C2 ZMR C . -2.58 5.58 -9.40
C3 ZMR C . -3.62 5.53 -8.54
C4 ZMR C . -3.82 6.56 -7.45
C5 ZMR C . -3.06 7.82 -7.90
N5 ZMR C . -3.03 8.88 -6.91
C10 ZMR C . -3.70 10.03 -7.01
O10 ZMR C . -4.50 10.26 -7.88
C11 ZMR C . -3.49 10.99 -5.87
C6 ZMR C . -1.63 7.62 -8.43
O6 ZMR C . -1.62 6.70 -9.48
C7 ZMR C . -0.95 8.79 -9.13
O7 ZMR C . -1.51 8.93 -10.43
C8 ZMR C . 0.56 8.67 -9.33
O8 ZMR C . 1.15 8.10 -8.13
C9 ZMR C . 1.18 10.03 -9.71
O9 ZMR C . 1.38 10.87 -8.53
NE ZMR C . -5.20 7.04 -7.34
CZ ZMR C . -5.68 7.46 -6.19
NH1 ZMR C . -4.92 7.46 -5.06
NH2 ZMR C . -6.90 7.88 -6.11
CA CA D . 9.13 3.70 -11.84
#